data_5OLM
#
_entry.id   5OLM
#
_cell.length_a   28.400
_cell.length_b   83.260
_cell.length_c   117.588
_cell.angle_alpha   90.00
_cell.angle_beta   90.00
_cell.angle_gamma   90.00
#
_symmetry.space_group_name_H-M   'P 2 21 21'
#
loop_
_entity.id
_entity.type
_entity.pdbx_description
1 polymer 'E3 ubiquitin-protein ligase TRIM21'
2 non-polymer 'ZINC ION'
3 water water
#
_entity_poly.entity_id   1
_entity_poly.type   'polypeptide(L)'
_entity_poly.pdbx_seq_one_letter_code
;GSHMASAARLTMMWEEVTCPICLDPFVEPVSIECGHSFCQECISQVGKGGGSVCPVCRQRFLLKNLRPNRQLANMVNNLK
EISQEAREGTQGERCAVHGERLHLFCEKDGKALCWVCAQSRKHRDHAMVPLE
;
_entity_poly.pdbx_strand_id   A,B
#
# COMPACT_ATOMS: atom_id res chain seq x y z
N GLY A 1 11.13 -12.73 -8.70
CA GLY A 1 10.50 -14.01 -8.41
C GLY A 1 9.66 -13.86 -7.18
N SER A 2 9.35 -14.99 -6.56
CA SER A 2 8.46 -15.10 -5.42
C SER A 2 9.25 -14.71 -4.17
N HIS A 3 8.58 -14.28 -3.12
CA HIS A 3 9.26 -14.13 -1.84
C HIS A 3 8.24 -14.57 -0.79
N MET A 4 8.70 -15.24 0.27
CA MET A 4 7.94 -15.41 1.47
C MET A 4 7.68 -14.05 2.15
N ALA A 5 6.42 -13.69 2.35
CA ALA A 5 6.07 -12.63 3.30
C ALA A 5 5.96 -13.24 4.68
N SER A 6 6.79 -12.83 5.63
CA SER A 6 6.65 -13.37 6.97
C SER A 6 5.36 -12.85 7.64
N ALA A 7 4.95 -13.52 8.70
CA ALA A 7 3.81 -13.05 9.45
C ALA A 7 4.01 -11.59 9.96
N ALA A 8 5.21 -11.30 10.47
CA ALA A 8 5.56 -9.95 10.93
C ALA A 8 5.39 -8.91 9.83
N ARG A 9 5.85 -9.23 8.64
CA ARG A 9 5.79 -8.29 7.55
C ARG A 9 4.35 -8.10 7.07
N LEU A 10 3.58 -9.19 7.02
CA LEU A 10 2.17 -9.12 6.68
C LEU A 10 1.41 -8.24 7.64
N THR A 11 1.66 -8.44 8.91
CA THR A 11 1.08 -7.64 9.98
C THR A 11 1.30 -6.18 9.74
N MET A 12 2.52 -5.81 9.39
CA MET A 12 2.87 -4.41 9.16
C MET A 12 2.09 -3.81 8.02
N MET A 13 2.03 -4.53 6.92
CA MET A 13 1.22 -4.09 5.77
C MET A 13 -0.28 -3.96 6.09
N TRP A 14 -0.81 -4.91 6.85
CA TRP A 14 -2.19 -4.83 7.35
C TRP A 14 -2.39 -3.55 8.17
N GLU A 15 -1.46 -3.29 9.08
CA GLU A 15 -1.50 -2.06 9.92
C GLU A 15 -1.61 -0.79 9.08
N GLU A 16 -0.91 -0.75 7.95
CA GLU A 16 -0.99 0.40 7.06
C GLU A 16 -2.32 0.61 6.40
N VAL A 17 -3.12 -0.48 6.17
CA VAL A 17 -4.42 -0.38 5.49
C VAL A 17 -5.56 -0.57 6.48
N THR A 18 -5.33 -0.30 7.76
CA THR A 18 -6.35 -0.40 8.82
C THR A 18 -6.81 1.01 9.29
N CYS A 19 -8.12 1.24 9.35
CA CYS A 19 -8.67 2.46 9.83
C CYS A 19 -8.40 2.66 11.30
N PRO A 20 -7.85 3.85 11.68
CA PRO A 20 -7.62 4.14 13.09
C PRO A 20 -8.88 4.28 13.92
N ILE A 21 -10.01 4.58 13.29
CA ILE A 21 -11.27 4.64 13.99
C ILE A 21 -11.89 3.27 14.26
N CYS A 22 -12.28 2.52 13.25
CA CYS A 22 -12.97 1.25 13.51
C CYS A 22 -12.00 0.05 13.71
N LEU A 23 -10.71 0.25 13.41
CA LEU A 23 -9.70 -0.80 13.59
C LEU A 23 -9.82 -2.05 12.67
N ASP A 24 -10.61 -1.96 11.59
CA ASP A 24 -10.70 -2.91 10.52
C ASP A 24 -9.98 -2.32 9.28
N PRO A 25 -9.78 -3.15 8.23
CA PRO A 25 -9.27 -2.64 6.99
C PRO A 25 -10.20 -1.62 6.35
N PHE A 26 -9.62 -0.54 5.77
CA PHE A 26 -10.39 0.55 5.15
C PHE A 26 -11.49 0.03 4.23
N VAL A 27 -12.69 0.60 4.34
CA VAL A 27 -13.80 0.44 3.44
C VAL A 27 -14.10 1.85 2.86
N GLU A 28 -14.02 2.04 1.56
CA GLU A 28 -14.04 3.42 1.02
C GLU A 28 -13.04 4.37 1.66
N PRO A 29 -11.73 4.02 1.58
CA PRO A 29 -10.73 4.89 2.21
C PRO A 29 -10.81 6.38 1.63
N VAL A 30 -10.74 7.37 2.53
CA VAL A 30 -10.66 8.81 2.17
C VAL A 30 -9.72 9.53 3.08
N SER A 31 -9.05 10.59 2.60
CA SER A 31 -8.16 11.39 3.45
C SER A 31 -8.83 12.72 3.89
N ILE A 32 -8.36 13.24 5.02
CA ILE A 32 -8.59 14.64 5.46
C ILE A 32 -7.25 15.49 5.36
N GLU A 33 -7.35 16.75 5.76
CA GLU A 33 -6.37 17.76 5.37
C GLU A 33 -4.98 17.47 5.85
N CYS A 34 -4.86 16.96 7.07
CA CYS A 34 -3.60 16.50 7.58
C CYS A 34 -2.97 15.34 6.76
N GLY A 35 -3.65 14.76 5.78
CA GLY A 35 -3.23 13.50 5.15
C GLY A 35 -3.58 12.17 5.81
N HIS A 36 -4.12 12.18 7.03
CA HIS A 36 -4.54 10.94 7.67
C HIS A 36 -5.78 10.42 6.95
N SER A 37 -5.89 9.10 6.86
CA SER A 37 -6.97 8.47 6.12
C SER A 37 -7.87 7.59 7.00
N PHE A 38 -9.09 7.39 6.53
CA PHE A 38 -10.17 6.71 7.32
C PHE A 38 -11.17 6.13 6.36
N CYS A 39 -11.94 5.12 6.76
CA CYS A 39 -13.20 4.74 6.03
C CYS A 39 -14.08 5.97 5.97
N GLN A 40 -14.71 6.18 4.83
CA GLN A 40 -15.63 7.32 4.65
C GLN A 40 -16.67 7.40 5.77
N GLU A 41 -17.29 6.26 6.03
CA GLU A 41 -18.30 6.19 7.06
C GLU A 41 -17.80 6.66 8.41
N CYS A 42 -16.65 6.12 8.81
CA CYS A 42 -16.10 6.42 10.10
C CYS A 42 -15.77 7.88 10.31
N ILE A 43 -15.11 8.51 9.35
CA ILE A 43 -14.79 9.94 9.50
C ILE A 43 -16.06 10.84 9.36
N SER A 44 -16.96 10.47 8.46
CA SER A 44 -18.26 11.15 8.36
C SER A 44 -19.00 11.24 9.69
N GLN A 45 -19.03 10.12 10.41
CA GLN A 45 -19.70 10.07 11.69
C GLN A 45 -18.96 10.90 12.73
N VAL A 46 -17.62 10.95 12.70
CA VAL A 46 -16.92 11.90 13.61
C VAL A 46 -17.35 13.37 13.33
N GLY A 47 -17.55 13.75 12.05
CA GLY A 47 -18.10 15.07 11.71
C GLY A 47 -19.55 15.37 12.13
N LYS A 48 -20.40 14.33 12.18
CA LYS A 48 -21.82 14.42 12.59
C LYS A 48 -22.03 14.07 14.08
N SER A 52 -14.83 18.97 12.92
CA SER A 52 -14.22 18.50 14.17
C SER A 52 -12.67 18.33 14.00
N VAL A 53 -12.04 17.48 14.83
CA VAL A 53 -10.60 17.36 14.87
C VAL A 53 -10.06 15.90 14.65
N CYS A 54 -8.92 15.76 13.94
CA CYS A 54 -8.39 14.48 13.46
C CYS A 54 -8.14 13.55 14.59
N PRO A 55 -8.77 12.37 14.54
CA PRO A 55 -8.55 11.48 15.67
C PRO A 55 -7.11 11.04 15.95
N VAL A 56 -6.22 11.11 14.96
CA VAL A 56 -4.86 10.66 15.13
C VAL A 56 -3.99 11.82 15.74
N CYS A 57 -3.97 12.95 15.06
CA CYS A 57 -3.01 14.03 15.36
C CYS A 57 -3.66 15.31 15.90
N ARG A 58 -5.00 15.40 15.79
CA ARG A 58 -5.80 16.50 16.33
C ARG A 58 -5.90 17.75 15.45
N GLN A 59 -5.31 17.73 14.27
CA GLN A 59 -5.42 18.89 13.37
C GLN A 59 -6.86 19.08 12.88
N ARG A 60 -7.30 20.31 12.63
CA ARG A 60 -8.70 20.58 12.28
C ARG A 60 -8.94 19.96 10.92
N PHE A 61 -10.17 19.53 10.65
CA PHE A 61 -10.58 19.08 9.29
C PHE A 61 -12.01 19.48 8.94
N LEU A 62 -12.38 19.43 7.67
CA LEU A 62 -13.79 19.70 7.21
C LEU A 62 -14.22 18.67 6.20
N LEU A 63 -15.47 18.27 6.28
CA LEU A 63 -15.94 17.16 5.52
C LEU A 63 -16.02 17.41 4.06
N LYS A 64 -16.05 18.66 3.60
CA LYS A 64 -16.14 18.94 2.14
C LYS A 64 -14.84 18.60 1.49
N ASN A 65 -13.77 18.63 2.29
CA ASN A 65 -12.38 18.33 1.90
C ASN A 65 -11.90 16.87 1.95
N LEU A 66 -12.78 15.94 2.31
CA LEU A 66 -12.51 14.52 2.04
C LEU A 66 -12.08 14.24 0.59
N ARG A 67 -11.09 13.34 0.47
CA ARG A 67 -10.61 12.89 -0.84
C ARG A 67 -10.51 11.32 -0.86
N PRO A 68 -10.94 10.66 -1.94
CA PRO A 68 -10.69 9.23 -2.12
C PRO A 68 -9.20 8.88 -2.10
N ASN A 69 -8.82 7.79 -1.40
CA ASN A 69 -7.48 7.28 -1.42
C ASN A 69 -7.52 5.80 -1.84
N ARG A 70 -7.83 5.57 -3.11
CA ARG A 70 -8.09 4.26 -3.64
C ARG A 70 -6.92 3.27 -3.60
N GLN A 71 -5.67 3.77 -3.58
CA GLN A 71 -4.54 2.83 -3.47
C GLN A 71 -4.64 1.95 -2.22
N LEU A 72 -5.09 2.54 -1.16
CA LEU A 72 -5.28 1.88 0.10
C LEU A 72 -6.30 0.72 -0.03
N ALA A 73 -7.34 0.93 -0.82
CA ALA A 73 -8.37 -0.13 -1.01
C ALA A 73 -7.80 -1.23 -1.89
N ASN A 74 -7.03 -0.85 -2.90
CA ASN A 74 -6.43 -1.79 -3.82
C ASN A 74 -5.43 -2.66 -3.10
N MET A 75 -4.75 -2.07 -2.10
CA MET A 75 -3.83 -2.81 -1.31
C MET A 75 -4.53 -3.80 -0.39
N VAL A 76 -5.62 -3.39 0.22
CA VAL A 76 -6.46 -4.33 0.94
C VAL A 76 -6.73 -5.56 0.05
N ASN A 77 -7.18 -5.31 -1.18
CA ASN A 77 -7.52 -6.38 -2.10
C ASN A 77 -6.33 -7.23 -2.44
N ASN A 78 -5.18 -6.61 -2.65
CA ASN A 78 -3.99 -7.40 -2.85
C ASN A 78 -3.59 -8.35 -1.72
N LEU A 79 -3.67 -7.85 -0.52
CA LEU A 79 -3.39 -8.66 0.68
C LEU A 79 -4.36 -9.83 0.91
N LYS A 80 -5.66 -9.62 0.67
CA LYS A 80 -6.63 -10.68 0.67
C LYS A 80 -6.29 -11.77 -0.38
N GLU A 81 -5.87 -11.38 -1.59
CA GLU A 81 -5.44 -12.34 -2.63
C GLU A 81 -4.24 -13.16 -2.28
N ILE A 82 -3.32 -12.63 -1.46
CA ILE A 82 -2.15 -13.37 -1.02
C ILE A 82 -2.64 -14.61 -0.31
N SER A 83 -3.52 -14.46 0.66
CA SER A 83 -4.02 -15.62 1.37
C SER A 83 -4.76 -16.57 0.41
N GLN A 84 -5.63 -16.02 -0.42
CA GLN A 84 -6.39 -16.84 -1.39
C GLN A 84 -5.52 -17.70 -2.29
N GLU A 85 -4.44 -17.11 -2.82
CA GLU A 85 -3.50 -17.76 -3.73
C GLU A 85 -2.56 -18.81 -3.09
N ALA A 86 -2.51 -18.87 -1.77
CA ALA A 86 -1.80 -19.95 -1.06
C ALA A 86 -2.71 -21.16 -0.66
N ARG A 87 -4.01 -21.12 -1.03
CA ARG A 87 -5.09 -22.04 -0.51
C ARG A 87 -4.80 -23.55 -0.53
N GLY A 92 -12.28 -23.94 2.65
CA GLY A 92 -12.60 -23.49 4.02
C GLY A 92 -13.11 -22.05 4.25
N GLU A 93 -13.77 -21.84 5.39
CA GLU A 93 -14.34 -20.53 5.74
C GLU A 93 -13.27 -19.46 6.03
N ARG A 94 -13.57 -18.24 5.55
CA ARG A 94 -12.59 -17.20 5.41
C ARG A 94 -13.05 -15.88 5.99
N CYS A 95 -12.12 -15.18 6.63
CA CYS A 95 -12.37 -13.85 7.19
C CYS A 95 -12.79 -12.91 6.07
N ALA A 96 -13.86 -12.19 6.31
CA ALA A 96 -14.49 -11.29 5.34
C ALA A 96 -13.61 -10.06 5.10
N VAL A 97 -12.94 -9.59 6.15
CA VAL A 97 -12.01 -8.46 6.04
C VAL A 97 -10.59 -8.77 5.67
N HIS A 98 -10.07 -9.96 6.01
CA HIS A 98 -8.68 -10.31 5.70
C HIS A 98 -8.45 -11.39 4.66
N GLY A 99 -9.52 -12.14 4.33
CA GLY A 99 -9.40 -13.28 3.40
C GLY A 99 -8.69 -14.50 3.95
N GLU A 100 -8.29 -14.49 5.24
CA GLU A 100 -7.52 -15.62 5.78
C GLU A 100 -8.51 -16.63 6.38
N ARG A 101 -8.03 -17.83 6.65
CA ARG A 101 -8.87 -18.90 7.22
C ARG A 101 -9.29 -18.62 8.67
N LEU A 102 -10.50 -19.02 9.05
CA LEU A 102 -11.02 -18.84 10.41
C LEU A 102 -10.77 -20.08 11.24
N HIS A 103 -10.08 -19.88 12.35
CA HIS A 103 -9.77 -20.91 13.27
C HIS A 103 -10.01 -20.55 14.73
N LEU A 104 -10.43 -19.30 15.01
CA LEU A 104 -10.59 -18.81 16.38
C LEU A 104 -11.96 -18.19 16.52
N PHE A 105 -12.42 -18.09 17.75
CA PHE A 105 -13.74 -17.52 18.03
C PHE A 105 -13.51 -16.55 19.17
N CYS A 106 -13.94 -15.31 18.95
CA CYS A 106 -13.82 -14.29 20.02
C CYS A 106 -14.97 -14.39 21.02
N GLU A 107 -14.70 -14.65 22.29
CA GLU A 107 -15.85 -14.76 23.22
C GLU A 107 -16.44 -13.37 23.56
N LYS A 108 -15.70 -12.28 23.40
CA LYS A 108 -16.28 -11.01 23.69
C LYS A 108 -17.21 -10.61 22.59
N ASP A 109 -16.77 -10.70 21.35
CA ASP A 109 -17.59 -10.22 20.22
C ASP A 109 -18.51 -11.28 19.67
N GLY A 110 -18.30 -12.54 20.00
CA GLY A 110 -19.01 -13.63 19.37
C GLY A 110 -18.84 -13.80 17.86
N LYS A 111 -17.67 -13.49 17.32
CA LYS A 111 -17.46 -13.79 15.92
C LYS A 111 -16.19 -14.57 15.70
N ALA A 112 -16.12 -15.13 14.50
CA ALA A 112 -15.06 -16.03 14.18
C ALA A 112 -13.91 -15.15 13.64
N LEU A 113 -12.67 -15.48 14.02
CA LEU A 113 -11.49 -14.62 13.75
C LEU A 113 -10.49 -15.40 12.95
N CYS A 114 -9.77 -14.68 12.08
CA CYS A 114 -8.52 -15.19 11.46
C CYS A 114 -7.32 -14.76 12.31
N TRP A 115 -6.14 -15.20 11.94
CA TRP A 115 -4.92 -14.94 12.71
C TRP A 115 -4.58 -13.44 12.71
N VAL A 116 -4.89 -12.74 11.62
CA VAL A 116 -4.70 -11.29 11.54
C VAL A 116 -5.67 -10.59 12.52
N CYS A 117 -6.95 -10.98 12.52
CA CYS A 117 -7.89 -10.46 13.53
C CYS A 117 -7.37 -10.62 14.93
N ALA A 118 -6.89 -11.83 15.23
CA ALA A 118 -6.56 -12.20 16.59
C ALA A 118 -5.42 -11.35 17.14
N GLN A 119 -4.42 -11.13 16.32
CA GLN A 119 -3.25 -10.33 16.72
C GLN A 119 -3.52 -8.83 16.59
N SER A 120 -4.59 -8.40 15.90
CA SER A 120 -4.88 -6.97 15.73
C SER A 120 -5.32 -6.26 17.02
N ARG A 121 -5.15 -4.95 17.03
CA ARG A 121 -5.52 -4.13 18.19
C ARG A 121 -6.97 -4.34 18.54
N LYS A 122 -7.78 -4.60 17.54
CA LYS A 122 -9.19 -4.75 17.73
C LYS A 122 -9.61 -5.96 18.61
N HIS A 123 -8.94 -7.11 18.50
CA HIS A 123 -9.36 -8.28 19.35
C HIS A 123 -8.28 -8.83 20.22
N ARG A 124 -7.04 -8.39 20.09
CA ARG A 124 -5.96 -9.04 20.80
C ARG A 124 -6.09 -9.01 22.30
N ASP A 125 -6.86 -8.09 22.90
CA ASP A 125 -7.11 -8.18 24.36
C ASP A 125 -8.35 -9.03 24.70
N HIS A 126 -9.12 -9.48 23.71
CA HIS A 126 -10.33 -10.29 23.96
C HIS A 126 -10.02 -11.75 24.28
N ALA A 127 -10.84 -12.38 25.11
CA ALA A 127 -10.76 -13.83 25.33
C ALA A 127 -11.16 -14.57 24.06
N MET A 128 -10.34 -15.53 23.66
CA MET A 128 -10.57 -16.20 22.38
C MET A 128 -10.46 -17.67 22.65
N VAL A 129 -11.09 -18.49 21.82
CA VAL A 129 -10.88 -19.94 21.90
C VAL A 129 -10.82 -20.53 20.52
N PRO A 130 -10.25 -21.74 20.41
CA PRO A 130 -10.28 -22.37 19.12
C PRO A 130 -11.71 -22.68 18.64
N LEU A 131 -11.97 -22.54 17.36
CA LEU A 131 -13.17 -23.11 16.80
C LEU A 131 -13.09 -24.65 16.94
N GLU A 132 -14.24 -25.31 16.93
CA GLU A 132 -14.38 -26.79 16.97
C GLU A 132 -15.18 -27.32 15.80
N GLY B 1 0.15 -16.87 9.69
CA GLY B 1 1.53 -17.28 9.41
C GLY B 1 1.98 -16.61 8.13
N SER B 2 3.07 -17.10 7.57
CA SER B 2 3.66 -16.49 6.42
C SER B 2 2.95 -17.03 5.17
N HIS B 3 3.17 -16.36 4.07
CA HIS B 3 2.65 -16.84 2.82
C HIS B 3 3.68 -16.47 1.76
N MET B 4 3.70 -17.25 0.67
CA MET B 4 4.47 -16.95 -0.50
C MET B 4 3.66 -15.91 -1.23
N ALA B 5 4.37 -14.88 -1.66
CA ALA B 5 3.82 -13.82 -2.48
C ALA B 5 4.36 -14.12 -3.87
N SER B 6 3.48 -14.54 -4.80
CA SER B 6 3.92 -14.78 -6.17
C SER B 6 4.53 -13.53 -6.85
N ALA B 7 5.17 -13.77 -7.98
CA ALA B 7 5.74 -12.72 -8.83
C ALA B 7 4.63 -11.85 -9.34
N ALA B 8 3.57 -12.47 -9.85
CA ALA B 8 2.47 -11.69 -10.38
C ALA B 8 1.82 -10.80 -9.28
N ARG B 9 1.76 -11.34 -8.06
CA ARG B 9 1.09 -10.62 -7.01
C ARG B 9 1.96 -9.42 -6.62
N LEU B 10 3.28 -9.63 -6.50
CA LEU B 10 4.22 -8.57 -6.16
C LEU B 10 4.19 -7.46 -7.23
N THR B 11 4.12 -7.84 -8.51
CA THR B 11 3.95 -6.86 -9.64
C THR B 11 2.76 -5.94 -9.46
N MET B 12 1.63 -6.53 -9.07
CA MET B 12 0.41 -5.77 -8.83
C MET B 12 0.53 -4.84 -7.66
N MET B 13 1.26 -5.27 -6.63
CA MET B 13 1.38 -4.43 -5.42
C MET B 13 2.29 -3.25 -5.75
N TRP B 14 3.34 -3.52 -6.53
CA TRP B 14 4.25 -2.46 -6.96
C TRP B 14 3.52 -1.41 -7.79
N GLU B 15 2.65 -1.90 -8.67
CA GLU B 15 1.83 -1.06 -9.53
C GLU B 15 1.12 -0.03 -8.74
N GLU B 16 0.52 -0.46 -7.62
CA GLU B 16 -0.22 0.46 -6.75
C GLU B 16 0.58 1.56 -6.09
N VAL B 17 1.90 1.39 -5.93
CA VAL B 17 2.73 2.40 -5.29
C VAL B 17 3.67 3.06 -6.32
N THR B 18 3.27 3.02 -7.61
CA THR B 18 4.06 3.56 -8.71
C THR B 18 3.44 4.90 -9.21
N CYS B 19 4.26 5.93 -9.31
CA CYS B 19 3.88 7.21 -9.87
C CYS B 19 3.45 7.09 -11.33
N PRO B 20 2.26 7.60 -11.68
CA PRO B 20 1.89 7.57 -13.12
C PRO B 20 2.71 8.51 -14.04
N ILE B 21 3.36 9.54 -13.51
CA ILE B 21 4.20 10.45 -14.33
C ILE B 21 5.58 9.84 -14.64
N CYS B 22 6.38 9.49 -13.63
CA CYS B 22 7.73 9.01 -13.85
C CYS B 22 7.79 7.48 -13.94
N LEU B 23 6.74 6.82 -13.49
CA LEU B 23 6.66 5.38 -13.46
C LEU B 23 7.70 4.72 -12.54
N ASP B 24 8.20 5.44 -11.54
CA ASP B 24 8.98 4.80 -10.51
C ASP B 24 8.10 4.67 -9.26
N PRO B 25 8.58 3.89 -8.27
CA PRO B 25 7.87 3.99 -7.00
C PRO B 25 7.80 5.41 -6.47
N PHE B 26 6.70 5.73 -5.81
CA PHE B 26 6.46 7.10 -5.35
C PHE B 26 7.60 7.60 -4.47
N VAL B 27 8.05 8.83 -4.68
CA VAL B 27 8.98 9.56 -3.76
C VAL B 27 8.19 10.78 -3.25
N GLU B 28 8.03 10.92 -1.92
CA GLU B 28 7.18 11.98 -1.32
C GLU B 28 5.77 12.03 -1.93
N PRO B 29 5.07 10.90 -1.85
CA PRO B 29 3.73 10.80 -2.51
C PRO B 29 2.79 11.84 -2.00
N VAL B 30 2.11 12.51 -2.92
CA VAL B 30 1.09 13.49 -2.59
C VAL B 30 -0.11 13.30 -3.41
N SER B 31 -1.28 13.75 -2.89
CA SER B 31 -2.48 13.69 -3.67
C SER B 31 -2.94 15.13 -4.03
N ILE B 32 -3.60 15.22 -5.17
CA ILE B 32 -4.27 16.45 -5.59
C ILE B 32 -5.79 16.30 -5.33
N GLU B 33 -6.57 17.31 -5.74
CA GLU B 33 -8.05 17.42 -5.45
C GLU B 33 -8.82 16.17 -5.76
N CYS B 34 -8.68 15.66 -6.96
CA CYS B 34 -9.34 14.43 -7.39
C CYS B 34 -8.96 13.15 -6.60
N GLY B 35 -7.98 13.24 -5.68
CA GLY B 35 -7.48 12.04 -4.96
C GLY B 35 -6.40 11.17 -5.63
N HIS B 36 -6.04 11.44 -6.88
CA HIS B 36 -4.94 10.73 -7.53
C HIS B 36 -3.62 11.18 -6.89
N SER B 37 -2.64 10.27 -6.81
CA SER B 37 -1.36 10.53 -6.19
C SER B 37 -0.17 10.40 -7.15
N PHE B 38 0.86 11.14 -6.77
CA PHE B 38 2.03 11.38 -7.60
C PHE B 38 3.23 11.62 -6.74
N CYS B 39 4.43 11.44 -7.27
CA CYS B 39 5.59 12.04 -6.60
C CYS B 39 5.40 13.55 -6.49
N GLN B 40 5.78 14.12 -5.35
CA GLN B 40 5.62 15.54 -5.17
C GLN B 40 6.41 16.32 -6.22
N GLU B 41 7.64 15.93 -6.48
CA GLU B 41 8.44 16.59 -7.51
C GLU B 41 7.70 16.49 -8.84
N CYS B 42 7.16 15.32 -9.17
CA CYS B 42 6.54 15.10 -10.51
C CYS B 42 5.32 15.96 -10.79
N ILE B 43 4.38 15.95 -9.87
CA ILE B 43 3.19 16.75 -10.03
C ILE B 43 3.48 18.27 -9.89
N SER B 44 4.42 18.68 -9.00
CA SER B 44 4.92 20.07 -8.95
C SER B 44 5.44 20.58 -10.31
N GLN B 45 6.15 19.73 -11.05
CA GLN B 45 6.59 20.01 -12.39
C GLN B 45 5.40 20.20 -13.31
N VAL B 46 4.45 19.27 -13.26
CA VAL B 46 3.30 19.35 -14.17
C VAL B 46 2.46 20.60 -13.87
N GLY B 47 2.46 21.04 -12.62
CA GLY B 47 1.65 22.15 -12.19
C GLY B 47 2.42 23.46 -12.06
N LYS B 48 3.66 23.54 -12.57
CA LYS B 48 4.45 24.81 -12.56
C LYS B 48 3.55 26.04 -12.87
N GLY B 49 3.64 27.08 -12.04
CA GLY B 49 2.83 28.29 -12.22
C GLY B 49 1.58 28.27 -11.35
N GLY B 50 1.31 27.17 -10.68
CA GLY B 50 0.27 27.15 -9.63
C GLY B 50 -0.75 26.07 -9.85
N GLY B 51 -0.87 25.54 -11.08
CA GLY B 51 -1.97 24.60 -11.35
C GLY B 51 -1.87 23.92 -12.69
N SER B 52 -2.68 22.87 -12.86
CA SER B 52 -2.78 22.21 -14.14
C SER B 52 -3.95 21.23 -14.11
N VAL B 53 -3.88 20.18 -14.92
CA VAL B 53 -4.89 19.14 -14.83
C VAL B 53 -4.24 17.79 -14.47
N CYS B 54 -4.99 16.96 -13.77
CA CYS B 54 -4.54 15.65 -13.40
C CYS B 54 -4.14 14.90 -14.66
N PRO B 55 -2.92 14.34 -14.69
CA PRO B 55 -2.52 13.51 -15.83
C PRO B 55 -3.32 12.21 -16.05
N VAL B 56 -3.96 11.69 -15.02
CA VAL B 56 -4.82 10.46 -15.11
C VAL B 56 -6.30 10.77 -15.51
N CYS B 57 -6.97 11.66 -14.80
CA CYS B 57 -8.39 11.95 -15.05
C CYS B 57 -8.73 13.35 -15.59
N ARG B 58 -7.71 14.14 -15.90
CA ARG B 58 -7.88 15.52 -16.37
C ARG B 58 -8.70 16.51 -15.49
N GLN B 59 -8.94 16.20 -14.24
CA GLN B 59 -9.53 17.22 -13.34
C GLN B 59 -8.47 18.26 -12.96
N ARG B 60 -8.94 19.47 -12.68
CA ARG B 60 -8.07 20.60 -12.43
C ARG B 60 -7.53 20.52 -11.04
N PHE B 61 -6.31 20.99 -10.86
CA PHE B 61 -5.71 21.02 -9.55
C PHE B 61 -4.87 22.24 -9.28
N LEU B 62 -4.70 22.57 -8.01
CA LEU B 62 -3.83 23.67 -7.60
C LEU B 62 -2.75 23.14 -6.74
N LEU B 63 -1.54 23.64 -6.97
CA LEU B 63 -0.38 23.26 -6.20
C LEU B 63 -0.50 23.54 -4.73
N LYS B 64 -1.17 24.64 -4.35
CA LYS B 64 -1.44 24.89 -2.94
C LYS B 64 -2.28 23.82 -2.24
N ASN B 65 -3.08 23.04 -2.97
CA ASN B 65 -3.89 21.96 -2.39
C ASN B 65 -3.22 20.57 -2.41
N LEU B 66 -1.88 20.51 -2.54
CA LEU B 66 -1.17 19.25 -2.31
C LEU B 66 -1.32 18.66 -0.92
N ARG B 67 -1.58 17.34 -0.87
CA ARG B 67 -1.71 16.66 0.43
C ARG B 67 -0.76 15.49 0.62
N PRO B 68 -0.09 15.37 1.74
CA PRO B 68 0.82 14.21 1.90
C PRO B 68 0.08 12.89 2.09
N ASN B 69 0.54 11.83 1.40
CA ASN B 69 -0.06 10.50 1.39
C ASN B 69 1.01 9.46 1.79
N ARG B 70 1.34 9.55 3.06
CA ARG B 70 2.43 8.83 3.66
C ARG B 70 2.31 7.32 3.70
N GLN B 71 1.10 6.81 3.76
CA GLN B 71 0.90 5.39 3.74
C GLN B 71 1.47 4.70 2.46
N LEU B 72 1.43 5.43 1.34
CA LEU B 72 1.95 4.95 0.09
C LEU B 72 3.44 4.78 0.19
N ALA B 73 4.11 5.70 0.87
CA ALA B 73 5.58 5.63 1.08
C ALA B 73 5.89 4.50 2.05
N ASN B 74 5.10 4.37 3.09
CA ASN B 74 5.21 3.22 4.00
C ASN B 74 5.05 1.86 3.26
N MET B 75 4.14 1.83 2.32
CA MET B 75 3.90 0.61 1.53
C MET B 75 5.04 0.33 0.59
N VAL B 76 5.59 1.36 -0.05
CA VAL B 76 6.85 1.18 -0.76
C VAL B 76 7.92 0.55 0.13
N ASN B 77 8.09 1.08 1.35
CA ASN B 77 9.09 0.54 2.27
C ASN B 77 8.84 -0.87 2.67
N ASN B 78 7.58 -1.24 2.88
CA ASN B 78 7.25 -2.64 3.15
C ASN B 78 7.61 -3.57 2.00
N LEU B 79 7.30 -3.16 0.79
CA LEU B 79 7.71 -3.93 -0.41
C LEU B 79 9.16 -4.05 -0.66
N LYS B 80 9.92 -3.01 -0.40
CA LYS B 80 11.38 -3.12 -0.45
C LYS B 80 11.97 -4.07 0.58
N GLU B 81 11.33 -4.13 1.74
CA GLU B 81 11.81 -4.98 2.81
C GLU B 81 11.56 -6.41 2.59
N ILE B 82 10.50 -6.75 1.88
CA ILE B 82 10.26 -8.14 1.56
C ILE B 82 11.48 -8.75 0.82
N SER B 83 12.01 -7.98 -0.13
CA SER B 83 13.29 -8.39 -0.83
C SER B 83 14.50 -8.63 0.14
N GLN B 84 14.82 -7.72 1.06
CA GLN B 84 15.93 -7.99 2.05
C GLN B 84 15.66 -9.09 3.04
N GLU B 85 14.47 -9.16 3.59
CA GLU B 85 14.14 -10.32 4.44
C GLU B 85 14.21 -11.65 3.70
N ALA B 86 14.26 -11.60 2.37
CA ALA B 86 14.17 -12.80 1.53
C ALA B 86 15.36 -13.73 1.72
N ARG B 87 16.53 -13.15 1.54
CA ARG B 87 17.75 -13.88 1.30
C ARG B 87 18.07 -14.96 2.36
N GLU B 88 18.20 -16.22 1.89
CA GLU B 88 18.57 -17.35 2.76
C GLU B 88 20.09 -17.36 3.01
N GLY B 89 20.57 -16.40 3.80
CA GLY B 89 22.02 -16.08 3.93
C GLY B 89 22.54 -15.73 2.54
N THR B 90 22.31 -14.51 2.08
CA THR B 90 22.65 -14.10 0.67
C THR B 90 22.78 -12.56 0.71
N GLN B 91 23.70 -11.97 -0.06
CA GLN B 91 23.88 -10.51 -0.01
C GLN B 91 24.59 -10.00 -1.27
N GLY B 92 24.04 -8.93 -1.85
CA GLY B 92 24.70 -8.19 -2.94
C GLY B 92 23.95 -6.91 -3.25
N GLU B 93 24.24 -6.29 -4.41
CA GLU B 93 23.68 -4.96 -4.77
C GLU B 93 22.18 -5.08 -5.06
N ARG B 94 21.50 -4.02 -4.70
CA ARG B 94 20.07 -3.99 -4.69
C ARG B 94 19.67 -2.75 -5.41
N CYS B 95 18.57 -2.87 -6.13
CA CYS B 95 17.94 -1.77 -6.85
C CYS B 95 17.60 -0.71 -5.85
N ALA B 96 17.96 0.53 -6.18
CA ALA B 96 17.68 1.66 -5.30
C ALA B 96 16.16 1.91 -5.08
N VAL B 97 15.34 1.42 -5.99
CA VAL B 97 13.93 1.77 -6.00
C VAL B 97 13.07 0.57 -5.53
N HIS B 98 13.46 -0.69 -5.88
CA HIS B 98 12.71 -1.87 -5.48
C HIS B 98 13.34 -2.66 -4.36
N GLY B 99 14.62 -2.45 -4.05
CA GLY B 99 15.25 -3.32 -3.06
C GLY B 99 15.56 -4.78 -3.49
N GLU B 100 15.27 -5.15 -4.74
CA GLU B 100 15.59 -6.50 -5.27
C GLU B 100 17.00 -6.50 -5.82
N ARG B 101 17.52 -7.69 -5.96
CA ARG B 101 18.87 -7.88 -6.48
C ARG B 101 18.96 -7.49 -7.97
N LEU B 102 20.09 -6.94 -8.36
CA LEU B 102 20.38 -6.47 -9.70
C LEU B 102 21.07 -7.55 -10.49
N HIS B 103 20.43 -8.02 -11.56
CA HIS B 103 21.02 -9.06 -12.46
C HIS B 103 20.94 -8.73 -13.93
N LEU B 104 20.37 -7.56 -14.26
CA LEU B 104 20.17 -7.16 -15.63
C LEU B 104 20.70 -5.75 -15.82
N PHE B 105 20.99 -5.40 -17.07
CA PHE B 105 21.50 -4.10 -17.47
C PHE B 105 20.62 -3.59 -18.61
N CYS B 106 20.03 -2.41 -18.45
CA CYS B 106 19.28 -1.76 -19.54
C CYS B 106 20.23 -0.99 -20.41
N GLU B 107 20.34 -1.36 -21.67
CA GLU B 107 21.22 -0.72 -22.62
C GLU B 107 20.71 0.65 -22.99
N LYS B 108 19.40 0.80 -23.11
CA LYS B 108 18.80 2.10 -23.35
C LYS B 108 19.09 3.12 -22.26
N ASP B 109 18.88 2.72 -21.02
CA ASP B 109 19.05 3.61 -19.86
C ASP B 109 20.43 3.57 -19.23
N GLY B 110 21.28 2.67 -19.70
CA GLY B 110 22.62 2.54 -19.22
C GLY B 110 22.73 2.40 -17.72
N LYS B 111 21.85 1.60 -17.12
CA LYS B 111 21.88 1.30 -15.70
C LYS B 111 21.41 -0.14 -15.42
N ALA B 112 21.83 -0.64 -14.27
CA ALA B 112 21.44 -1.97 -13.79
C ALA B 112 19.93 -1.96 -13.40
N LEU B 113 19.24 -3.09 -13.62
CA LEU B 113 17.87 -3.30 -13.26
C LEU B 113 17.64 -4.57 -12.46
N CYS B 114 16.62 -4.53 -11.55
CA CYS B 114 16.14 -5.71 -10.92
C CYS B 114 14.99 -6.33 -11.78
N TRP B 115 14.42 -7.43 -11.34
CA TRP B 115 13.38 -8.12 -12.13
C TRP B 115 12.11 -7.27 -12.16
N VAL B 116 11.83 -6.56 -11.06
CA VAL B 116 10.68 -5.64 -11.00
C VAL B 116 10.81 -4.52 -12.07
N CYS B 117 11.98 -3.94 -12.13
CA CYS B 117 12.36 -2.98 -13.14
C CYS B 117 12.11 -3.53 -14.56
N ALA B 118 12.62 -4.75 -14.79
CA ALA B 118 12.58 -5.38 -16.13
C ALA B 118 11.15 -5.60 -16.65
N GLN B 119 10.27 -6.01 -15.75
CA GLN B 119 8.90 -6.25 -16.18
C GLN B 119 8.04 -4.95 -16.23
N SER B 120 8.48 -3.87 -15.60
CA SER B 120 7.64 -2.67 -15.43
C SER B 120 7.47 -1.98 -16.75
N ARG B 121 6.46 -1.10 -16.81
CA ARG B 121 6.23 -0.33 -18.04
C ARG B 121 7.41 0.51 -18.41
N LYS B 122 8.11 1.00 -17.41
CA LYS B 122 9.26 1.83 -17.70
C LYS B 122 10.42 1.20 -18.50
N HIS B 123 10.60 -0.11 -18.44
CA HIS B 123 11.74 -0.71 -19.16
C HIS B 123 11.40 -1.91 -20.01
N ARG B 124 10.20 -2.46 -19.91
CA ARG B 124 10.01 -3.82 -20.42
C ARG B 124 10.12 -3.95 -21.98
N ASP B 125 10.03 -2.81 -22.68
CA ASP B 125 10.34 -2.71 -24.11
C ASP B 125 11.77 -2.30 -24.43
N HIS B 126 12.65 -2.13 -23.43
CA HIS B 126 14.04 -1.76 -23.73
C HIS B 126 14.89 -3.02 -23.99
N ALA B 127 16.03 -2.81 -24.61
CA ALA B 127 17.01 -3.86 -24.79
C ALA B 127 17.67 -4.04 -23.45
N MET B 128 17.73 -5.29 -23.00
CA MET B 128 18.39 -5.66 -21.76
C MET B 128 19.31 -6.86 -22.01
N VAL B 129 20.39 -6.92 -21.23
CA VAL B 129 21.31 -8.03 -21.18
C VAL B 129 21.65 -8.41 -19.73
N PRO B 130 22.15 -9.63 -19.53
CA PRO B 130 22.55 -9.90 -18.14
C PRO B 130 23.74 -9.07 -17.68
N LEU B 131 23.78 -8.73 -16.42
CA LEU B 131 25.05 -8.33 -15.85
C LEU B 131 26.08 -9.49 -15.94
N GLU B 132 27.34 -9.09 -15.91
CA GLU B 132 28.46 -10.05 -15.97
C GLU B 132 29.42 -9.83 -14.84
#